data_4PS0
#
_entry.id   4PS0
#
_cell.length_a   50.198
_cell.length_b   69.189
_cell.length_c   93.143
_cell.angle_alpha   90.00
_cell.angle_beta   102.01
_cell.angle_gamma   90.00
#
_symmetry.space_group_name_H-M   'P 1 21 1'
#
loop_
_entity.id
_entity.type
_entity.pdbx_description
1 polymer Caspase-3
2 polymer '(BAL)LQ(HYP)(1U8) PEPTIDE'
3 water water
#
loop_
_entity_poly.entity_id
_entity_poly.type
_entity_poly.pdbx_seq_one_letter_code
_entity_poly.pdbx_strand_id
1 'polypeptide(L)'
;MENTENSVDSKSIKNLEPKIIHGSESMDSGISLDNSYKMDYPEMGLCIIINNKNFHKSTGMTSRSGTDVDAANLRETFRN
LKYEVRNKNDLTREEIVELMRDVSKEDHSKRSSFVCVLLSHGEEGIIFGTNGPVDLKKITNFFRGDRCRSLTGKPKLFII
QACRGTELDCGIETDSGVDDDMACHKIPVEADFLYAYSTAPGYYSWRNSKDGSWFIQSLCAMLKQYADKLEFMHILTRVN
RKVATEFESFSFDATFHAKKQIPCIVSMLTKELYFYHQLHHHHHH
;
A,B
2 'polypeptide(L)' (BAL)LQ(HYP)(1U8) C,D
#
loop_
_chem_comp.id
_chem_comp.type
_chem_comp.name
_chem_comp.formula
BAL peptide-like BETA-ALANINE 'C3 H7 N O2'
#
# COMPACT_ATOMS: atom_id res chain seq x y z
N ASP A 34 -18.27 12.38 7.72
CA ASP A 34 -16.86 12.21 7.96
C ASP A 34 -16.23 11.23 6.94
N ASN A 35 -16.22 11.68 5.70
CA ASN A 35 -15.48 10.98 4.68
C ASN A 35 -14.03 11.48 4.63
N SER A 36 -13.76 12.57 5.36
CA SER A 36 -12.43 13.23 5.34
CA SER A 36 -12.41 13.15 5.35
C SER A 36 -11.91 13.48 6.75
N TYR A 37 -10.60 13.29 6.96
CA TYR A 37 -10.01 13.59 8.24
C TYR A 37 -10.20 15.07 8.58
N LYS A 38 -10.49 15.31 9.85
CA LYS A 38 -10.53 16.67 10.40
C LYS A 38 -9.13 17.29 10.38
N MET A 39 -8.96 18.37 9.63
CA MET A 39 -7.63 18.94 9.46
C MET A 39 -7.66 20.37 9.88
N ASP A 40 -8.63 20.72 10.72
CA ASP A 40 -8.79 22.09 11.21
C ASP A 40 -8.50 22.20 12.71
N TYR A 41 -7.69 21.28 13.23
CA TYR A 41 -7.08 21.50 14.54
C TYR A 41 -6.19 22.73 14.47
N PRO A 42 -5.78 23.23 15.63
CA PRO A 42 -4.96 24.46 15.59
C PRO A 42 -3.66 24.30 14.80
N GLU A 43 -3.09 23.10 14.77
CA GLU A 43 -1.82 22.81 14.08
C GLU A 43 -2.01 21.70 13.10
N MET A 44 -1.40 21.81 11.91
CA MET A 44 -1.43 20.66 11.01
C MET A 44 -0.68 19.49 11.64
N GLY A 45 0.41 19.77 12.34
CA GLY A 45 1.18 18.71 12.98
C GLY A 45 2.66 18.78 12.70
N LEU A 46 3.42 17.85 13.29
CA LEU A 46 4.87 17.79 13.04
C LEU A 46 5.17 17.14 11.72
N CYS A 47 6.32 17.55 11.14
CA CYS A 47 6.92 16.84 10.01
C CYS A 47 8.38 16.60 10.38
N ILE A 48 8.68 15.38 10.84
CA ILE A 48 10.04 15.04 11.26
C ILE A 48 10.78 14.54 10.06
N ILE A 49 11.94 15.15 9.71
CA ILE A 49 12.70 14.67 8.55
C ILE A 49 14.02 14.13 9.06
N ILE A 50 14.25 12.82 8.87
CA ILE A 50 15.54 12.21 9.28
C ILE A 50 16.38 12.06 8.02
N ASN A 51 17.47 12.84 7.97
CA ASN A 51 18.27 13.00 6.78
C ASN A 51 19.64 12.34 7.01
N ASN A 52 19.80 11.09 6.60
CA ASN A 52 21.06 10.40 6.89
C ASN A 52 21.90 10.41 5.64
N LYS A 53 23.02 11.13 5.73
CA LYS A 53 23.92 11.31 4.58
C LYS A 53 25.22 10.54 4.77
N ASN A 54 25.82 10.64 5.96
CA ASN A 54 27.14 10.10 6.22
C ASN A 54 27.08 8.91 7.16
N PHE A 55 27.65 7.80 6.75
CA PHE A 55 27.54 6.54 7.51
C PHE A 55 28.84 6.10 8.07
N HIS A 56 28.78 5.32 9.15
CA HIS A 56 30.01 4.87 9.79
C HIS A 56 30.83 4.05 8.81
N LYS A 57 32.16 4.28 8.83
CA LYS A 57 33.04 3.66 7.87
C LYS A 57 32.86 2.15 7.91
N SER A 58 32.61 1.64 9.12
CA SER A 58 32.51 0.20 9.30
C SER A 58 31.32 -0.40 8.58
N THR A 59 30.31 0.40 8.24
CA THR A 59 29.11 -0.16 7.61
C THR A 59 29.25 -0.44 6.12
N GLY A 60 30.22 0.18 5.46
CA GLY A 60 30.33 0.06 4.03
C GLY A 60 29.36 0.92 3.24
N MET A 61 28.49 1.66 3.91
CA MET A 61 27.51 2.42 3.16
C MET A 61 28.09 3.75 2.64
N THR A 62 27.78 4.05 1.39
CA THR A 62 28.28 5.24 0.71
C THR A 62 27.52 6.51 1.09
N SER A 63 28.24 7.63 1.08
CA SER A 63 27.67 8.94 1.36
CA SER A 63 27.61 8.90 1.39
C SER A 63 26.50 9.17 0.41
N ARG A 64 25.36 9.63 0.93
CA ARG A 64 24.18 9.77 0.08
C ARG A 64 24.12 11.17 -0.56
N SER A 65 25.06 11.43 -1.48
CA SER A 65 25.03 12.71 -2.21
C SER A 65 23.69 13.07 -2.77
N GLY A 66 23.26 14.31 -2.56
CA GLY A 66 21.96 14.77 -3.04
C GLY A 66 20.85 14.73 -1.98
N THR A 67 21.10 14.04 -0.88
CA THR A 67 20.06 13.95 0.14
C THR A 67 19.78 15.31 0.78
N ASP A 68 20.78 16.21 0.88
CA ASP A 68 20.46 17.50 1.47
C ASP A 68 19.50 18.29 0.58
N VAL A 69 19.60 18.07 -0.73
CA VAL A 69 18.66 18.72 -1.66
C VAL A 69 17.24 18.22 -1.32
N ASP A 70 17.08 16.90 -1.12
CA ASP A 70 15.76 16.35 -0.74
C ASP A 70 15.29 16.95 0.60
N ALA A 71 16.21 17.02 1.57
CA ALA A 71 15.87 17.46 2.91
C ALA A 71 15.39 18.94 2.86
N ALA A 72 16.03 19.75 2.05
CA ALA A 72 15.64 21.14 1.94
C ALA A 72 14.34 21.27 1.18
N ASN A 73 14.18 20.46 0.11
CA ASN A 73 12.92 20.49 -0.66
C ASN A 73 11.72 20.13 0.24
N LEU A 74 11.91 19.09 1.04
CA LEU A 74 10.84 18.59 1.91
C LEU A 74 10.51 19.68 2.95
N ARG A 75 11.55 20.30 3.49
CA ARG A 75 11.31 21.28 4.51
C ARG A 75 10.48 22.43 3.97
N GLU A 76 10.79 22.90 2.78
CA GLU A 76 10.06 24.04 2.20
C GLU A 76 8.62 23.59 1.86
N THR A 77 8.52 22.39 1.30
CA THR A 77 7.23 21.89 0.83
C THR A 77 6.28 21.78 2.02
N PHE A 78 6.74 21.16 3.11
CA PHE A 78 5.87 20.99 4.27
C PHE A 78 5.70 22.30 5.07
N ARG A 79 6.70 23.21 5.00
CA ARG A 79 6.46 24.55 5.51
C ARG A 79 5.23 25.21 4.90
N ASN A 80 5.15 25.09 3.59
CA ASN A 80 4.05 25.73 2.87
C ASN A 80 2.71 25.02 3.13
N LEU A 81 2.77 23.78 3.59
CA LEU A 81 1.54 23.08 4.02
C LEU A 81 1.21 23.33 5.49
N LYS A 82 2.02 24.17 6.15
CA LYS A 82 1.83 24.63 7.55
C LYS A 82 2.14 23.53 8.57
N TYR A 83 3.07 22.63 8.23
CA TYR A 83 3.62 21.69 9.21
C TYR A 83 4.78 22.30 9.97
N GLU A 84 4.88 21.91 11.23
CA GLU A 84 6.04 22.26 12.05
C GLU A 84 7.16 21.31 11.68
N VAL A 85 8.15 21.77 10.92
CA VAL A 85 9.16 20.86 10.40
C VAL A 85 10.32 20.82 11.36
N ARG A 86 10.78 19.61 11.66
CA ARG A 86 12.06 19.46 12.38
C ARG A 86 12.98 18.58 11.54
N ASN A 87 14.13 19.12 11.13
CA ASN A 87 15.09 18.36 10.37
C ASN A 87 16.13 17.75 11.34
N LYS A 88 16.44 16.47 11.20
CA LYS A 88 17.53 15.90 11.98
C LYS A 88 18.52 15.22 11.03
N ASN A 89 19.81 15.37 11.26
CA ASN A 89 20.80 14.88 10.30
C ASN A 89 21.71 13.82 10.90
N ASP A 90 21.97 12.74 10.14
CA ASP A 90 23.00 11.77 10.53
C ASP A 90 22.76 11.22 11.94
N LEU A 91 21.61 10.59 12.09
CA LEU A 91 21.27 9.95 13.36
C LEU A 91 21.73 8.48 13.35
N THR A 92 22.34 8.05 14.43
CA THR A 92 22.54 6.62 14.68
C THR A 92 21.22 5.86 14.78
N ARG A 93 21.29 4.53 14.75
CA ARG A 93 20.10 3.71 14.90
C ARG A 93 19.49 3.98 16.29
N GLU A 94 20.34 4.15 17.30
CA GLU A 94 19.83 4.42 18.64
C GLU A 94 19.13 5.79 18.68
N GLU A 95 19.75 6.79 18.09
CA GLU A 95 19.16 8.14 18.03
C GLU A 95 17.84 8.18 17.25
N ILE A 96 17.70 7.39 16.20
CA ILE A 96 16.41 7.32 15.49
C ILE A 96 15.32 6.80 16.41
N VAL A 97 15.62 5.72 17.12
CA VAL A 97 14.61 5.14 18.00
C VAL A 97 14.27 6.09 19.17
N GLU A 98 15.28 6.73 19.74
CA GLU A 98 15.05 7.67 20.84
C GLU A 98 14.18 8.85 20.36
N LEU A 99 14.51 9.37 19.18
CA LEU A 99 13.75 10.51 18.62
C LEU A 99 12.29 10.11 18.43
N MET A 100 12.08 8.95 17.84
CA MET A 100 10.73 8.54 17.51
C MET A 100 9.95 8.28 18.79
N ARG A 101 10.59 7.64 19.76
CA ARG A 101 9.97 7.44 21.07
C ARG A 101 9.59 8.79 21.67
N ASP A 102 10.56 9.73 21.69
CA ASP A 102 10.27 11.00 22.34
C ASP A 102 9.14 11.77 21.63
N VAL A 103 9.16 11.77 20.31
CA VAL A 103 8.11 12.45 19.54
C VAL A 103 6.74 11.81 19.77
N SER A 104 6.72 10.50 19.86
CA SER A 104 5.45 9.80 20.13
C SER A 104 4.91 10.12 21.51
N LYS A 105 5.78 10.57 22.43
CA LYS A 105 5.32 10.87 23.77
C LYS A 105 4.90 12.33 23.94
N GLU A 106 5.04 13.14 22.91
CA GLU A 106 4.49 14.49 22.95
C GLU A 106 2.98 14.45 22.99
N ASP A 107 2.41 15.54 23.44
CA ASP A 107 0.97 15.73 23.40
C ASP A 107 0.59 16.30 22.04
N HIS A 108 0.03 15.47 21.16
CA HIS A 108 -0.38 15.88 19.80
C HIS A 108 -1.86 16.29 19.73
N SER A 109 -2.47 16.57 20.85
CA SER A 109 -3.92 16.78 20.90
CA SER A 109 -3.93 16.79 20.91
C SER A 109 -4.37 17.94 20.01
N LYS A 110 -3.54 18.98 19.90
CA LYS A 110 -3.91 20.14 19.09
C LYS A 110 -3.41 20.02 17.64
N ARG A 111 -2.92 18.83 17.26
CA ARG A 111 -2.37 18.62 15.91
C ARG A 111 -3.30 17.75 15.09
N SER A 112 -3.43 18.06 13.80
CA SER A 112 -4.32 17.27 12.92
C SER A 112 -3.74 15.95 12.49
N SER A 113 -2.42 15.89 12.35
CA SER A 113 -1.82 14.75 11.70
C SER A 113 -0.39 14.67 12.17
N PHE A 114 0.32 13.66 11.68
CA PHE A 114 1.77 13.48 11.97
C PHE A 114 2.47 13.00 10.69
N VAL A 115 3.63 13.58 10.37
CA VAL A 115 4.41 13.17 9.20
C VAL A 115 5.85 12.87 9.62
N CYS A 116 6.39 11.74 9.13
CA CYS A 116 7.77 11.39 9.32
C CYS A 116 8.37 11.03 7.98
N VAL A 117 9.49 11.70 7.61
CA VAL A 117 10.18 11.40 6.36
C VAL A 117 11.52 10.77 6.67
N LEU A 118 11.79 9.60 6.11
CA LEU A 118 13.06 8.92 6.36
C LEU A 118 13.86 8.93 5.04
N LEU A 119 15.11 9.44 5.09
CA LEU A 119 15.98 9.53 3.92
C LEU A 119 17.24 8.77 4.28
N SER A 120 17.41 7.58 3.74
CA SER A 120 18.61 6.81 4.12
C SER A 120 18.83 5.65 3.18
N HIS A 121 19.86 4.85 3.46
CA HIS A 121 19.94 3.52 2.89
C HIS A 121 18.88 2.60 3.54
N GLY A 122 18.49 1.54 2.85
CA GLY A 122 17.51 0.62 3.42
C GLY A 122 17.53 -0.74 2.76
N GLU A 123 16.72 -1.67 3.31
CA GLU A 123 16.48 -2.99 2.77
C GLU A 123 15.00 -3.23 3.07
N GLU A 124 14.45 -4.35 2.63
CA GLU A 124 13.01 -4.56 2.89
C GLU A 124 12.72 -4.49 4.41
N GLY A 125 11.85 -3.57 4.80
CA GLY A 125 11.43 -3.45 6.19
C GLY A 125 12.44 -2.74 7.08
N ILE A 126 13.50 -2.18 6.51
CA ILE A 126 14.62 -1.70 7.29
C ILE A 126 15.09 -0.32 6.80
N ILE A 127 15.39 0.59 7.74
CA ILE A 127 16.02 1.89 7.37
C ILE A 127 17.38 1.95 8.08
N PHE A 128 18.42 2.55 7.47
CA PHE A 128 19.68 2.57 8.22
C PHE A 128 19.92 3.82 9.07
N GLY A 129 20.25 3.61 10.35
CA GLY A 129 20.94 4.65 11.09
C GLY A 129 22.34 4.77 10.52
N THR A 130 23.05 5.79 10.94
CA THR A 130 24.44 5.93 10.44
C THR A 130 25.35 4.73 10.82
N ASN A 131 24.95 3.96 11.86
CA ASN A 131 25.81 2.91 12.36
C ASN A 131 25.16 1.54 12.25
N GLY A 132 24.06 1.43 11.53
CA GLY A 132 23.43 0.12 11.37
C GLY A 132 21.92 0.19 11.23
N PRO A 133 21.30 -0.97 11.04
CA PRO A 133 19.87 -1.01 10.65
C PRO A 133 18.90 -0.86 11.83
N VAL A 134 17.77 -0.27 11.50
CA VAL A 134 16.60 -0.11 12.39
C VAL A 134 15.43 -0.78 11.65
N ASP A 135 14.70 -1.70 12.27
CA ASP A 135 13.43 -2.14 11.67
C ASP A 135 12.41 -1.02 11.56
N LEU A 136 11.80 -0.82 10.39
CA LEU A 136 10.75 0.21 10.28
C LEU A 136 9.59 -0.02 11.26
N LYS A 137 9.27 -1.27 11.53
CA LYS A 137 8.16 -1.57 12.41
C LYS A 137 8.42 -1.03 13.85
N LYS A 138 9.67 -1.09 14.30
CA LYS A 138 10.02 -0.53 15.62
C LYS A 138 9.70 0.97 15.70
N ILE A 139 9.99 1.68 14.62
CA ILE A 139 9.73 3.10 14.51
C ILE A 139 8.23 3.44 14.49
N THR A 140 7.51 2.72 13.64
CA THR A 140 6.10 3.07 13.41
C THR A 140 5.25 2.57 14.60
N ASN A 141 5.73 1.57 15.30
CA ASN A 141 4.96 1.05 16.44
C ASN A 141 4.75 2.09 17.53
N PHE A 142 5.66 3.06 17.67
CA PHE A 142 5.48 4.08 18.73
C PHE A 142 4.19 4.89 18.54
N PHE A 143 3.72 4.89 17.28
CA PHE A 143 2.57 5.70 16.89
C PHE A 143 1.30 4.91 16.74
N ARG A 144 1.33 3.62 17.08
CA ARG A 144 0.09 2.81 17.04
C ARG A 144 -1.08 3.51 17.78
N GLY A 145 -2.31 3.24 17.34
CA GLY A 145 -3.48 3.87 17.96
C GLY A 145 -3.57 3.68 19.47
N ASP A 146 -3.02 2.57 19.97
CA ASP A 146 -3.06 2.36 21.41
C ASP A 146 -1.85 2.91 22.16
N ARG A 147 -0.80 3.28 21.45
CA ARG A 147 0.46 3.73 22.08
C ARG A 147 0.72 5.23 22.01
N CYS A 148 0.03 5.91 21.11
CA CYS A 148 0.13 7.35 20.99
C CYS A 148 -1.31 7.85 20.93
N ARG A 149 -1.89 8.01 22.12
CA ARG A 149 -3.31 8.27 22.21
C ARG A 149 -3.72 9.61 21.62
N SER A 150 -2.84 10.62 21.60
CA SER A 150 -3.23 11.92 21.07
C SER A 150 -3.11 11.98 19.55
N LEU A 151 -2.74 10.85 18.94
CA LEU A 151 -2.82 10.75 17.48
C LEU A 151 -3.86 9.70 17.08
N THR A 152 -4.59 9.13 18.03
CA THR A 152 -5.61 8.14 17.65
C THR A 152 -6.63 8.77 16.74
N GLY A 153 -6.95 8.11 15.62
CA GLY A 153 -7.97 8.67 14.73
C GLY A 153 -7.40 9.68 13.74
N LYS A 154 -6.11 10.00 13.85
CA LYS A 154 -5.50 11.00 13.01
C LYS A 154 -4.52 10.34 12.04
N PRO A 155 -4.38 10.91 10.84
CA PRO A 155 -3.49 10.31 9.84
C PRO A 155 -2.01 10.44 10.23
N LYS A 156 -1.35 9.30 10.15
CA LYS A 156 0.07 9.17 10.49
C LYS A 156 0.80 8.76 9.22
N LEU A 157 1.61 9.67 8.67
CA LEU A 157 2.22 9.47 7.36
C LEU A 157 3.70 9.19 7.49
N PHE A 158 4.16 8.07 6.90
CA PHE A 158 5.58 7.78 6.87
C PHE A 158 6.04 7.73 5.42
N ILE A 159 6.99 8.59 5.08
CA ILE A 159 7.44 8.77 3.70
C ILE A 159 8.85 8.26 3.69
N ILE A 160 9.11 7.23 2.89
CA ILE A 160 10.37 6.47 3.06
C ILE A 160 11.15 6.42 1.76
N GLN A 161 12.24 7.19 1.67
CA GLN A 161 13.20 7.12 0.55
C GLN A 161 14.36 6.25 0.98
N ALA A 162 14.37 5.01 0.47
CA ALA A 162 15.37 3.96 0.81
C ALA A 162 15.14 2.78 -0.11
N CYS A 163 16.20 2.01 -0.41
CA CYS A 163 15.97 0.73 -1.11
C CYS A 163 15.15 -0.21 -0.25
N ARG A 164 14.51 -1.17 -0.93
CA ARG A 164 13.74 -2.23 -0.27
C ARG A 164 14.24 -3.59 -0.73
N GLY A 165 15.48 -3.64 -1.20
CA GLY A 165 16.03 -4.89 -1.68
C GLY A 165 16.92 -4.59 -2.89
N THR A 166 17.33 -5.63 -3.57
CA THR A 166 18.31 -5.49 -4.66
C THR A 166 17.74 -5.85 -6.04
N GLU A 167 16.42 -5.94 -6.18
CA GLU A 167 15.88 -6.20 -7.51
C GLU A 167 15.98 -4.91 -8.34
N LEU A 168 16.22 -5.12 -9.62
CA LEU A 168 16.27 -4.00 -10.57
C LEU A 168 15.10 -4.07 -11.53
N ASP A 169 14.46 -2.93 -11.79
CA ASP A 169 13.37 -2.88 -12.75
C ASP A 169 13.92 -2.45 -14.13
N CYS A 170 13.93 -3.37 -15.10
CA CYS A 170 14.48 -3.07 -16.42
CA CYS A 170 14.44 -3.16 -16.46
C CYS A 170 13.50 -2.31 -17.30
N GLY A 171 12.26 -2.19 -16.85
CA GLY A 171 11.24 -1.47 -17.62
C GLY A 171 10.79 -2.19 -18.87
N ILE A 172 9.78 -1.63 -19.53
CA ILE A 172 9.29 -2.17 -20.78
C ILE A 172 8.92 -0.99 -21.68
N GLU A 173 9.29 -1.07 -22.97
CA GLU A 173 8.99 0.03 -23.90
C GLU A 173 7.49 0.18 -24.11
N THR A 174 7.05 1.41 -24.32
CA THR A 174 5.64 1.70 -24.48
C THR A 174 5.32 2.18 -25.88
N ASP A 179 -25.95 -7.71 12.12
CA ASP A 179 -26.29 -8.51 13.28
C ASP A 179 -25.79 -7.93 14.60
N ASP A 180 -24.57 -7.40 14.60
CA ASP A 180 -23.89 -7.11 15.85
C ASP A 180 -23.21 -5.73 15.74
N ASP A 181 -23.64 -4.79 16.56
CA ASP A 181 -23.08 -3.42 16.65
C ASP A 181 -21.93 -3.36 17.67
N MET A 182 -21.89 -4.30 18.61
CA MET A 182 -20.72 -4.53 19.51
C MET A 182 -20.69 -3.72 20.81
N ALA A 183 -21.54 -2.69 20.96
CA ALA A 183 -21.52 -1.74 22.10
C ALA A 183 -20.33 -0.74 22.09
N CYS A 184 -19.15 -1.16 22.57
CA CYS A 184 -17.98 -0.25 22.63
C CYS A 184 -17.23 -0.14 21.30
N HIS A 185 -17.18 1.07 20.76
CA HIS A 185 -16.51 1.28 19.50
C HIS A 185 -15.00 1.40 19.67
N LYS A 186 -14.32 0.62 18.84
CA LYS A 186 -12.88 0.62 18.75
C LYS A 186 -12.48 0.77 17.32
N ILE A 187 -11.24 1.19 17.11
CA ILE A 187 -10.65 1.08 15.79
C ILE A 187 -9.40 0.22 15.91
N PRO A 188 -8.95 -0.38 14.80
CA PRO A 188 -7.70 -1.15 14.81
C PRO A 188 -6.51 -0.27 15.23
N VAL A 189 -5.54 -0.86 15.93
CA VAL A 189 -4.36 -0.05 16.31
C VAL A 189 -3.49 0.23 15.11
N GLU A 190 -3.65 -0.54 14.03
CA GLU A 190 -2.87 -0.25 12.79
C GLU A 190 -3.58 0.70 11.79
N ALA A 191 -4.81 1.10 12.10
CA ALA A 191 -5.56 2.02 11.25
C ALA A 191 -4.93 3.42 11.26
N ASP A 192 -5.16 4.13 10.15
CA ASP A 192 -4.83 5.57 9.98
C ASP A 192 -3.33 5.78 9.80
N PHE A 193 -2.65 4.77 9.29
CA PHE A 193 -1.28 4.92 8.82
C PHE A 193 -1.23 4.95 7.30
N LEU A 194 -0.26 5.67 6.74
CA LEU A 194 -0.05 5.69 5.32
C LEU A 194 1.47 5.64 5.15
N TYR A 195 1.94 4.67 4.38
CA TYR A 195 3.39 4.50 4.16
C TYR A 195 3.59 4.82 2.69
N ALA A 196 4.30 5.91 2.40
CA ALA A 196 4.54 6.28 1.02
C ALA A 196 5.97 5.86 0.73
N TYR A 197 6.13 4.64 0.18
CA TYR A 197 7.45 4.11 -0.11
C TYR A 197 7.91 4.62 -1.46
N SER A 198 9.22 4.90 -1.56
CA SER A 198 9.76 5.35 -2.82
C SER A 198 9.80 4.29 -3.93
N THR A 199 9.71 3.02 -3.54
CA THR A 199 9.89 1.96 -4.50
C THR A 199 9.08 0.70 -4.09
N ALA A 200 8.90 -0.18 -5.06
CA ALA A 200 8.18 -1.42 -4.80
C ALA A 200 8.96 -2.37 -3.88
N PRO A 201 8.25 -3.25 -3.18
CA PRO A 201 8.88 -4.23 -2.31
C PRO A 201 9.97 -4.99 -3.07
N GLY A 202 11.14 -5.12 -2.46
CA GLY A 202 12.23 -5.92 -3.03
C GLY A 202 13.20 -5.13 -3.94
N TYR A 203 12.85 -3.88 -4.28
CA TYR A 203 13.59 -3.15 -5.32
C TYR A 203 14.52 -2.05 -4.83
N TYR A 204 15.50 -1.79 -5.68
CA TYR A 204 16.33 -0.58 -5.58
C TYR A 204 15.47 0.68 -5.57
N SER A 205 16.00 1.74 -4.96
CA SER A 205 15.44 3.05 -5.07
C SER A 205 16.59 3.98 -5.50
N TRP A 206 16.30 4.91 -6.38
CA TRP A 206 17.37 5.67 -7.03
C TRP A 206 17.44 7.14 -6.66
N ARG A 207 18.67 7.68 -6.67
CA ARG A 207 18.92 9.02 -6.18
C ARG A 207 19.92 9.68 -7.13
N ASN A 208 19.74 10.96 -7.37
CA ASN A 208 20.65 11.69 -8.23
C ASN A 208 21.52 12.58 -7.34
N SER A 209 22.86 12.54 -7.53
CA SER A 209 23.73 13.17 -6.60
C SER A 209 23.54 14.67 -6.61
N LYS A 210 23.01 15.21 -7.72
CA LYS A 210 22.86 16.67 -7.87
C LYS A 210 21.45 17.12 -7.51
N ASP A 211 20.45 16.35 -7.95
CA ASP A 211 19.06 16.78 -7.91
C ASP A 211 18.28 16.19 -6.75
N GLY A 212 18.83 15.17 -6.07
CA GLY A 212 18.05 14.46 -5.08
C GLY A 212 17.44 13.15 -5.56
N SER A 213 16.72 12.47 -4.68
CA SER A 213 16.09 11.20 -5.06
C SER A 213 14.96 11.41 -6.05
N TRP A 214 14.77 10.45 -6.96
CA TRP A 214 13.70 10.58 -7.93
C TRP A 214 12.36 10.75 -7.19
N PHE A 215 12.15 9.95 -6.16
CA PHE A 215 10.86 9.98 -5.46
C PHE A 215 10.62 11.28 -4.70
N ILE A 216 11.64 11.77 -3.98
CA ILE A 216 11.36 12.94 -3.18
C ILE A 216 11.22 14.16 -4.13
N GLN A 217 12.07 14.22 -5.17
CA GLN A 217 11.86 15.29 -6.16
C GLN A 217 10.42 15.34 -6.63
N SER A 218 9.92 14.17 -7.02
CA SER A 218 8.58 14.06 -7.61
C SER A 218 7.49 14.34 -6.57
N LEU A 219 7.68 13.82 -5.36
CA LEU A 219 6.70 14.07 -4.28
C LEU A 219 6.54 15.55 -3.96
N CYS A 220 7.69 16.22 -3.80
CA CYS A 220 7.61 17.65 -3.53
C CYS A 220 6.96 18.40 -4.67
N ALA A 221 7.34 18.06 -5.91
CA ALA A 221 6.73 18.75 -7.04
C ALA A 221 5.19 18.57 -7.09
N MET A 222 4.74 17.35 -6.83
CA MET A 222 3.28 17.08 -6.89
C MET A 222 2.55 17.72 -5.68
N LEU A 223 3.18 17.77 -4.51
CA LEU A 223 2.56 18.49 -3.38
C LEU A 223 2.48 19.98 -3.67
N LYS A 224 3.57 20.56 -4.18
CA LYS A 224 3.57 21.98 -4.51
C LYS A 224 2.47 22.29 -5.52
N GLN A 225 2.30 21.41 -6.51
CA GLN A 225 1.36 21.70 -7.58
C GLN A 225 -0.10 21.46 -7.18
N TYR A 226 -0.33 20.44 -6.35
CA TYR A 226 -1.70 19.89 -6.20
C TYR A 226 -2.22 19.83 -4.76
N ALA A 227 -1.40 20.11 -3.75
CA ALA A 227 -1.92 19.96 -2.37
C ALA A 227 -3.05 20.92 -2.05
N ASP A 228 -3.22 21.97 -2.85
CA ASP A 228 -4.31 22.89 -2.54
C ASP A 228 -5.63 22.43 -3.14
N LYS A 229 -5.64 21.25 -3.73
CA LYS A 229 -6.90 20.79 -4.28
C LYS A 229 -7.08 19.28 -4.16
N LEU A 230 -6.10 18.50 -4.60
CA LEU A 230 -6.29 17.04 -4.70
C LEU A 230 -6.16 16.29 -3.36
N GLU A 231 -6.93 15.20 -3.24
CA GLU A 231 -6.78 14.28 -2.11
C GLU A 231 -5.45 13.57 -2.17
N PHE A 232 -4.91 13.24 -1.01
CA PHE A 232 -3.50 12.79 -0.95
C PHE A 232 -3.25 11.51 -1.79
N MET A 233 -4.17 10.56 -1.83
CA MET A 233 -3.91 9.36 -2.67
C MET A 233 -3.77 9.72 -4.14
N HIS A 234 -4.54 10.72 -4.55
CA HIS A 234 -4.47 11.16 -5.94
C HIS A 234 -3.19 11.97 -6.21
N ILE A 235 -2.74 12.71 -5.21
CA ILE A 235 -1.40 13.31 -5.35
C ILE A 235 -0.29 12.24 -5.47
N LEU A 236 -0.36 11.22 -4.64
CA LEU A 236 0.64 10.16 -4.67
C LEU A 236 0.56 9.34 -5.94
N THR A 237 -0.62 9.19 -6.53
CA THR A 237 -0.76 8.52 -7.81
C THR A 237 -0.07 9.33 -8.91
N ARG A 238 -0.19 10.66 -8.86
CA ARG A 238 0.57 11.48 -9.81
C ARG A 238 2.09 11.35 -9.57
N VAL A 239 2.51 11.20 -8.32
CA VAL A 239 3.93 10.96 -7.99
C VAL A 239 4.35 9.62 -8.61
N ASN A 240 3.51 8.58 -8.42
CA ASN A 240 3.81 7.33 -9.13
C ASN A 240 4.05 7.52 -10.64
N ARG A 241 3.17 8.25 -11.32
CA ARG A 241 3.25 8.38 -12.74
C ARG A 241 4.53 9.17 -13.11
N LYS A 242 4.82 10.21 -12.32
CA LYS A 242 6.00 11.04 -12.62
C LYS A 242 7.27 10.22 -12.49
N VAL A 243 7.39 9.50 -11.38
CA VAL A 243 8.60 8.65 -11.21
C VAL A 243 8.69 7.58 -12.29
N ALA A 244 7.58 6.94 -12.60
CA ALA A 244 7.52 5.87 -13.62
C ALA A 244 7.87 6.34 -15.04
N THR A 245 7.45 7.54 -15.40
CA THR A 245 7.54 7.96 -16.78
C THR A 245 8.75 8.86 -17.03
N GLU A 246 9.11 9.72 -16.08
CA GLU A 246 10.07 10.77 -16.37
C GLU A 246 11.47 10.39 -16.00
N PHE A 247 11.64 9.33 -15.25
CA PHE A 247 13.01 8.96 -14.84
C PHE A 247 13.46 7.65 -15.44
N GLU A 248 14.74 7.60 -15.84
CA GLU A 248 15.36 6.34 -16.24
C GLU A 248 16.83 6.46 -15.92
N SER A 249 17.41 5.43 -15.29
CA SER A 249 18.81 5.62 -14.89
C SER A 249 19.79 5.67 -16.06
N PHE A 250 20.87 6.43 -15.81
CA PHE A 250 22.00 6.52 -16.74
C PHE A 250 23.24 6.13 -15.94
N SER A 251 23.92 5.06 -16.34
CA SER A 251 25.05 4.53 -15.57
C SER A 251 26.14 4.04 -16.50
N PHE A 252 27.39 4.38 -16.20
CA PHE A 252 28.51 3.78 -16.92
C PHE A 252 28.58 2.25 -16.70
N ASP A 253 27.94 1.77 -15.62
CA ASP A 253 27.91 0.35 -15.31
C ASP A 253 26.62 -0.18 -15.90
N ALA A 254 26.75 -1.02 -16.94
CA ALA A 254 25.57 -1.53 -17.65
C ALA A 254 24.58 -2.20 -16.69
N THR A 255 25.09 -2.79 -15.61
CA THR A 255 24.23 -3.44 -14.63
C THR A 255 23.13 -2.53 -14.06
N PHE A 256 23.44 -1.23 -13.97
CA PHE A 256 22.55 -0.26 -13.35
C PHE A 256 22.02 0.78 -14.33
N HIS A 257 22.24 0.52 -15.60
CA HIS A 257 21.85 1.46 -16.66
C HIS A 257 20.45 1.17 -17.24
N ALA A 258 19.74 2.24 -17.62
CA ALA A 258 18.40 2.19 -18.24
C ALA A 258 17.42 1.46 -17.34
N LYS A 259 17.58 1.68 -16.04
CA LYS A 259 16.62 1.11 -15.06
C LYS A 259 15.52 2.10 -14.69
N LYS A 260 14.42 1.51 -14.21
CA LYS A 260 13.17 2.23 -13.94
C LYS A 260 12.78 2.04 -12.47
N GLN A 261 11.81 2.84 -12.05
CA GLN A 261 11.36 2.75 -10.66
C GLN A 261 9.87 3.05 -10.57
N ILE A 262 9.12 2.27 -9.78
CA ILE A 262 7.75 2.69 -9.42
C ILE A 262 7.64 2.82 -7.88
N PRO A 263 7.08 3.93 -7.39
CA PRO A 263 6.87 3.98 -5.94
C PRO A 263 5.69 3.11 -5.53
N CYS A 264 5.45 3.05 -4.22
CA CYS A 264 4.52 2.02 -3.66
C CYS A 264 3.77 2.70 -2.52
N ILE A 265 2.47 2.95 -2.76
CA ILE A 265 1.61 3.62 -1.78
C ILE A 265 1.00 2.53 -0.92
N VAL A 266 1.19 2.60 0.39
CA VAL A 266 0.59 1.60 1.26
C VAL A 266 -0.35 2.32 2.24
N SER A 267 -1.66 2.17 2.02
CA SER A 267 -2.60 2.90 2.86
C SER A 267 -3.48 2.02 3.73
N MET A 268 -3.37 2.31 5.02
CA MET A 268 -4.31 1.86 6.02
C MET A 268 -5.17 3.02 6.48
N LEU A 269 -5.27 4.04 5.66
CA LEU A 269 -6.12 5.19 6.05
C LEU A 269 -7.56 4.82 5.98
N THR A 270 -8.39 5.53 6.77
CA THR A 270 -9.82 5.23 6.81
C THR A 270 -10.63 6.41 6.26
N LYS A 271 -9.96 7.50 5.92
CA LYS A 271 -10.66 8.68 5.40
C LYS A 271 -9.81 9.35 4.32
N GLU A 272 -10.45 10.22 3.55
CA GLU A 272 -9.70 11.07 2.61
C GLU A 272 -8.88 12.11 3.36
N LEU A 273 -7.70 12.43 2.81
CA LEU A 273 -6.78 13.38 3.45
C LEU A 273 -6.56 14.56 2.50
N TYR A 274 -6.96 15.75 2.93
CA TYR A 274 -6.67 16.99 2.20
C TYR A 274 -5.78 17.86 3.06
N PHE A 275 -4.81 18.55 2.46
CA PHE A 275 -3.91 19.43 3.23
C PHE A 275 -4.40 20.86 3.33
N TYR A 276 -5.68 21.00 3.49
CA TYR A 276 -6.26 22.31 3.63
C TYR A 276 -7.58 22.05 4.36
N HIS A 277 -8.18 23.09 4.94
CA HIS A 277 -9.56 22.96 5.33
C HIS A 277 -10.29 24.15 4.71
N GLN A 278 -11.61 24.03 4.62
CA GLN A 278 -12.42 25.10 4.05
C GLN A 278 -13.12 25.88 5.12
N LEU A 279 -12.81 27.18 5.22
CA LEU A 279 -13.44 28.04 6.23
C LEU A 279 -14.95 28.12 5.99
N HIS A 280 -15.70 28.28 7.07
CA HIS A 280 -17.17 28.33 6.98
C HIS A 280 -17.71 29.74 6.65
N HIS A 281 -16.91 30.75 6.92
CA HIS A 281 -17.29 32.14 6.64
C HIS A 281 -16.16 32.85 5.93
N ASP B 34 -4.44 12.25 -19.47
CA ASP B 34 -3.67 11.08 -19.03
C ASP B 34 -3.67 10.95 -17.52
N ASN B 35 -4.65 11.54 -16.84
CA ASN B 35 -4.78 11.39 -15.39
C ASN B 35 -5.58 10.15 -14.99
N SER B 36 -6.40 9.63 -15.90
CA SER B 36 -7.25 8.45 -15.60
CA SER B 36 -7.22 8.46 -15.58
C SER B 36 -7.01 7.36 -16.61
N TYR B 37 -7.03 6.11 -16.16
CA TYR B 37 -6.89 5.01 -17.10
C TYR B 37 -8.03 5.01 -18.12
N LYS B 38 -7.67 4.69 -19.36
CA LYS B 38 -8.66 4.46 -20.41
C LYS B 38 -9.49 3.21 -20.10
N MET B 39 -10.78 3.38 -19.84
CA MET B 39 -11.63 2.25 -19.46
C MET B 39 -12.74 2.04 -20.46
N ASP B 40 -12.53 2.51 -21.69
CA ASP B 40 -13.52 2.36 -22.73
C ASP B 40 -13.05 1.47 -23.91
N TYR B 41 -12.14 0.54 -23.60
CA TYR B 41 -11.89 -0.57 -24.51
C TYR B 41 -13.21 -1.32 -24.66
N PRO B 42 -13.31 -2.19 -25.67
CA PRO B 42 -14.54 -2.97 -25.86
C PRO B 42 -14.99 -3.78 -24.63
N GLU B 43 -14.02 -4.27 -23.85
CA GLU B 43 -14.28 -5.08 -22.66
C GLU B 43 -13.64 -4.47 -21.43
N MET B 44 -14.35 -4.52 -20.29
CA MET B 44 -13.70 -4.07 -19.07
C MET B 44 -12.50 -4.97 -18.72
N GLY B 45 -12.64 -6.27 -18.97
CA GLY B 45 -11.57 -7.19 -18.63
C GLY B 45 -12.06 -8.42 -17.91
N LEU B 46 -11.16 -9.37 -17.69
CA LEU B 46 -11.47 -10.56 -16.89
C LEU B 46 -11.45 -10.27 -15.40
N CYS B 47 -12.30 -11.00 -14.69
CA CYS B 47 -12.24 -11.04 -13.24
C CYS B 47 -12.14 -12.52 -12.82
N ILE B 48 -10.93 -12.94 -12.46
CA ILE B 48 -10.68 -14.34 -12.09
C ILE B 48 -10.87 -14.48 -10.61
N ILE B 49 -11.81 -15.32 -10.18
CA ILE B 49 -11.97 -15.51 -8.73
C ILE B 49 -11.50 -16.92 -8.35
N ILE B 50 -10.49 -17.03 -7.50
CA ILE B 50 -10.03 -18.34 -7.07
C ILE B 50 -10.57 -18.54 -5.68
N ASN B 51 -11.50 -19.48 -5.54
CA ASN B 51 -12.23 -19.68 -4.31
C ASN B 51 -11.83 -21.00 -3.65
N ASN B 52 -10.88 -20.94 -2.72
CA ASN B 52 -10.41 -22.18 -2.10
C ASN B 52 -11.12 -22.39 -0.76
N LYS B 53 -11.94 -23.43 -0.72
CA LYS B 53 -12.77 -23.73 0.43
C LYS B 53 -12.29 -24.97 1.18
N ASN B 54 -11.99 -26.04 0.43
CA ASN B 54 -11.61 -27.31 1.03
C ASN B 54 -10.15 -27.65 0.78
N PHE B 55 -9.46 -28.07 1.83
CA PHE B 55 -8.00 -28.27 1.79
C PHE B 55 -7.61 -29.70 2.08
N HIS B 56 -6.55 -30.18 1.42
CA HIS B 56 -6.12 -31.55 1.62
C HIS B 56 -5.80 -31.80 3.08
N LYS B 57 -6.12 -33.01 3.54
CA LYS B 57 -5.90 -33.40 4.93
C LYS B 57 -4.43 -33.15 5.29
N SER B 58 -3.54 -33.55 4.40
CA SER B 58 -2.10 -33.35 4.61
C SER B 58 -1.69 -31.93 5.01
N THR B 59 -2.48 -30.91 4.65
CA THR B 59 -2.15 -29.54 5.05
C THR B 59 -2.63 -29.20 6.47
N GLY B 60 -3.61 -29.95 6.95
CA GLY B 60 -4.26 -29.61 8.21
C GLY B 60 -5.04 -28.31 8.21
N MET B 61 -5.24 -27.69 7.05
CA MET B 61 -5.98 -26.45 7.05
C MET B 61 -7.49 -26.71 7.11
N THR B 62 -8.19 -25.89 7.89
CA THR B 62 -9.64 -25.98 8.04
C THR B 62 -10.39 -25.51 6.80
N SER B 63 -11.59 -26.04 6.66
CA SER B 63 -12.51 -25.65 5.59
CA SER B 63 -12.50 -25.62 5.58
C SER B 63 -12.95 -24.20 5.82
N ARG B 64 -12.91 -23.40 4.75
CA ARG B 64 -13.23 -21.98 4.84
C ARG B 64 -14.72 -21.64 4.71
N SER B 65 -15.49 -22.04 5.73
CA SER B 65 -16.93 -21.82 5.69
C SER B 65 -17.24 -20.35 5.49
N GLY B 66 -18.14 -20.09 4.55
CA GLY B 66 -18.53 -18.72 4.24
C GLY B 66 -17.87 -18.18 2.99
N THR B 67 -16.83 -18.87 2.52
CA THR B 67 -16.17 -18.37 1.34
C THR B 67 -17.05 -18.42 0.08
N ASP B 68 -18.00 -19.35 0.00
CA ASP B 68 -18.90 -19.34 -1.14
C ASP B 68 -19.77 -18.08 -1.20
N VAL B 69 -20.12 -17.54 -0.03
CA VAL B 69 -20.90 -16.30 0.03
C VAL B 69 -20.05 -15.20 -0.62
N ASP B 70 -18.76 -15.15 -0.28
CA ASP B 70 -17.83 -14.16 -0.87
C ASP B 70 -17.76 -14.35 -2.37
N ALA B 71 -17.55 -15.60 -2.79
CA ALA B 71 -17.36 -15.88 -4.21
C ALA B 71 -18.59 -15.46 -5.03
N ALA B 72 -19.77 -15.72 -4.51
CA ALA B 72 -21.00 -15.35 -5.21
C ALA B 72 -21.19 -13.84 -5.21
N ASN B 73 -20.90 -13.19 -4.08
CA ASN B 73 -21.02 -11.73 -3.96
C ASN B 73 -20.09 -11.02 -4.97
N LEU B 74 -18.85 -11.47 -5.02
CA LEU B 74 -17.87 -10.94 -5.97
C LEU B 74 -18.34 -11.16 -7.42
N ARG B 75 -18.88 -12.33 -7.70
CA ARG B 75 -19.28 -12.59 -9.07
C ARG B 75 -20.35 -11.60 -9.51
N GLU B 76 -21.35 -11.38 -8.67
CA GLU B 76 -22.45 -10.47 -9.02
C GLU B 76 -21.93 -9.01 -9.09
N THR B 77 -21.06 -8.66 -8.14
CA THR B 77 -20.56 -7.29 -8.06
C THR B 77 -19.76 -6.98 -9.31
N PHE B 78 -18.87 -7.87 -9.69
CA PHE B 78 -18.08 -7.59 -10.87
C PHE B 78 -18.88 -7.81 -12.18
N ARG B 79 -19.91 -8.67 -12.16
CA ARG B 79 -20.77 -8.74 -13.34
C ARG B 79 -21.42 -7.36 -13.59
N ASN B 80 -21.82 -6.73 -12.52
CA ASN B 80 -22.49 -5.44 -12.66
C ASN B 80 -21.51 -4.33 -13.09
N LEU B 81 -20.22 -4.57 -12.88
CA LEU B 81 -19.19 -3.63 -13.39
C LEU B 81 -18.77 -3.97 -14.84
N LYS B 82 -19.41 -4.97 -15.42
CA LYS B 82 -19.18 -5.45 -16.81
C LYS B 82 -17.84 -6.15 -17.02
N TYR B 83 -17.37 -6.81 -15.96
CA TYR B 83 -16.25 -7.75 -16.06
C TYR B 83 -16.72 -9.15 -16.47
N GLU B 84 -15.89 -9.80 -17.26
CA GLU B 84 -16.08 -11.21 -17.63
C GLU B 84 -15.56 -12.05 -16.46
N VAL B 85 -16.47 -12.53 -15.60
CA VAL B 85 -16.08 -13.26 -14.40
C VAL B 85 -15.88 -14.74 -14.67
N ARG B 86 -14.79 -15.27 -14.14
CA ARG B 86 -14.54 -16.71 -14.19
C ARG B 86 -14.31 -17.17 -12.77
N ASN B 87 -15.18 -18.03 -12.26
CA ASN B 87 -15.00 -18.55 -10.90
C ASN B 87 -14.26 -19.90 -10.97
N LYS B 88 -13.27 -20.10 -10.12
CA LYS B 88 -12.57 -21.38 -10.02
C LYS B 88 -12.56 -21.83 -8.57
N ASN B 89 -12.91 -23.08 -8.35
CA ASN B 89 -13.02 -23.59 -6.99
C ASN B 89 -12.00 -24.65 -6.63
N ASP B 90 -11.48 -24.56 -5.40
CA ASP B 90 -10.58 -25.58 -4.85
C ASP B 90 -9.43 -25.97 -5.76
N LEU B 91 -8.57 -25.01 -6.08
CA LEU B 91 -7.45 -25.27 -6.96
C LEU B 91 -6.22 -25.65 -6.15
N THR B 92 -5.47 -26.64 -6.65
CA THR B 92 -4.17 -26.93 -6.05
C THR B 92 -3.19 -25.79 -6.34
N ARG B 93 -2.03 -25.83 -5.69
CA ARG B 93 -1.01 -24.80 -5.94
C ARG B 93 -0.59 -24.89 -7.41
N GLU B 94 -0.51 -26.11 -7.94
CA GLU B 94 -0.14 -26.29 -9.33
C GLU B 94 -1.19 -25.70 -10.27
N GLU B 95 -2.45 -25.98 -10.01
CA GLU B 95 -3.55 -25.43 -10.80
C GLU B 95 -3.61 -23.89 -10.75
N ILE B 96 -3.27 -23.30 -9.59
CA ILE B 96 -3.27 -21.84 -9.49
C ILE B 96 -2.23 -21.24 -10.43
N VAL B 97 -1.01 -21.77 -10.36
CA VAL B 97 0.05 -21.27 -11.21
C VAL B 97 -0.25 -21.51 -12.70
N GLU B 98 -0.72 -22.70 -13.08
CA GLU B 98 -1.07 -22.99 -14.47
C GLU B 98 -2.17 -22.03 -14.94
N LEU B 99 -3.14 -21.79 -14.08
CA LEU B 99 -4.26 -20.92 -14.45
C LEU B 99 -3.77 -19.51 -14.71
N MET B 100 -2.95 -19.01 -13.79
CA MET B 100 -2.45 -17.66 -13.93
C MET B 100 -1.55 -17.53 -15.17
N ARG B 101 -0.76 -18.56 -15.43
CA ARG B 101 0.10 -18.55 -16.61
C ARG B 101 -0.74 -18.48 -17.87
N ASP B 102 -1.74 -19.37 -17.98
CA ASP B 102 -2.60 -19.38 -19.15
C ASP B 102 -3.39 -18.08 -19.34
N VAL B 103 -3.96 -17.56 -18.26
CA VAL B 103 -4.64 -16.26 -18.35
C VAL B 103 -3.68 -15.13 -18.78
N SER B 104 -2.46 -15.11 -18.25
CA SER B 104 -1.52 -14.07 -18.71
C SER B 104 -1.16 -14.20 -20.19
N LYS B 105 -1.36 -15.38 -20.76
CA LYS B 105 -1.01 -15.59 -22.16
C LYS B 105 -2.15 -15.34 -23.12
N GLU B 106 -3.33 -15.01 -22.59
CA GLU B 106 -4.44 -14.61 -23.45
C GLU B 106 -4.12 -13.27 -24.07
N ASP B 107 -4.80 -12.94 -25.15
CA ASP B 107 -4.74 -11.59 -25.76
C ASP B 107 -5.74 -10.66 -25.07
N HIS B 108 -5.23 -9.78 -24.19
CA HIS B 108 -6.06 -8.79 -23.51
C HIS B 108 -6.15 -7.47 -24.26
N SER B 109 -5.79 -7.42 -25.55
CA SER B 109 -5.75 -6.16 -26.30
CA SER B 109 -5.76 -6.15 -26.29
C SER B 109 -7.04 -5.34 -26.22
N LYS B 110 -8.20 -6.01 -26.26
CA LYS B 110 -9.49 -5.34 -26.24
C LYS B 110 -10.07 -5.14 -24.84
N ARG B 111 -9.25 -5.41 -23.82
CA ARG B 111 -9.70 -5.31 -22.44
C ARG B 111 -9.05 -4.13 -21.73
N SER B 112 -9.84 -3.44 -20.90
CA SER B 112 -9.32 -2.23 -20.20
C SER B 112 -8.39 -2.57 -19.03
N SER B 113 -8.60 -3.72 -18.40
CA SER B 113 -8.00 -3.95 -17.09
C SER B 113 -8.02 -5.46 -16.85
N PHE B 114 -7.42 -5.86 -15.73
CA PHE B 114 -7.45 -7.25 -15.30
C PHE B 114 -7.69 -7.27 -13.81
N VAL B 115 -8.53 -8.20 -13.33
CA VAL B 115 -8.82 -8.36 -11.89
C VAL B 115 -8.66 -9.87 -11.51
N CYS B 116 -7.93 -10.11 -10.42
CA CYS B 116 -7.79 -11.43 -9.85
C CYS B 116 -8.14 -11.33 -8.37
N VAL B 117 -9.08 -12.17 -7.93
CA VAL B 117 -9.43 -12.23 -6.54
C VAL B 117 -9.00 -13.57 -5.96
N LEU B 118 -8.28 -13.54 -4.85
CA LEU B 118 -7.86 -14.78 -4.23
C LEU B 118 -8.49 -14.94 -2.86
N LEU B 119 -9.20 -16.07 -2.66
CA LEU B 119 -9.86 -16.33 -1.40
C LEU B 119 -9.25 -17.60 -0.81
N SER B 120 -8.49 -17.50 0.26
CA SER B 120 -7.86 -18.71 0.79
C SER B 120 -7.25 -18.46 2.16
N HIS B 121 -6.63 -19.50 2.72
CA HIS B 121 -5.66 -19.33 3.79
C HIS B 121 -4.41 -18.65 3.24
N GLY B 122 -3.67 -17.98 4.12
CA GLY B 122 -2.45 -17.33 3.67
C GLY B 122 -1.50 -17.08 4.81
N GLU B 123 -0.30 -16.61 4.44
CA GLU B 123 0.75 -16.16 5.35
C GLU B 123 1.34 -14.97 4.64
N GLU B 124 2.24 -14.22 5.31
CA GLU B 124 2.79 -13.07 4.61
C GLU B 124 3.42 -13.49 3.25
N GLY B 125 2.94 -12.89 2.17
CA GLY B 125 3.47 -13.13 0.84
C GLY B 125 2.98 -14.43 0.20
N ILE B 126 2.02 -15.10 0.85
CA ILE B 126 1.69 -16.48 0.46
C ILE B 126 0.17 -16.68 0.43
N ILE B 127 -0.33 -17.40 -0.58
CA ILE B 127 -1.72 -17.83 -0.62
C ILE B 127 -1.72 -19.38 -0.72
N PHE B 128 -2.70 -20.06 -0.15
CA PHE B 128 -2.62 -21.51 -0.24
C PHE B 128 -3.43 -22.09 -1.36
N GLY B 129 -2.80 -22.97 -2.15
CA GLY B 129 -3.56 -23.90 -2.96
C GLY B 129 -4.15 -24.90 -1.99
N THR B 130 -4.99 -25.80 -2.50
CA THR B 130 -5.58 -26.80 -1.64
C THR B 130 -4.55 -27.77 -1.06
N ASN B 131 -3.39 -27.89 -1.72
CA ASN B 131 -2.39 -28.87 -1.31
C ASN B 131 -1.09 -28.19 -0.82
N GLY B 132 -1.14 -26.88 -0.59
CA GLY B 132 0.00 -26.17 -0.06
C GLY B 132 0.23 -24.75 -0.60
N PRO B 133 1.31 -24.11 -0.11
CA PRO B 133 1.54 -22.70 -0.39
C PRO B 133 2.05 -22.36 -1.80
N VAL B 134 1.64 -21.17 -2.24
CA VAL B 134 2.10 -20.52 -3.46
C VAL B 134 2.61 -19.12 -3.10
N ASP B 135 3.78 -18.72 -3.58
CA ASP B 135 4.15 -17.30 -3.38
C ASP B 135 3.30 -16.40 -4.23
N LEU B 136 2.76 -15.35 -3.64
CA LEU B 136 1.96 -14.35 -4.38
C LEU B 136 2.78 -13.76 -5.51
N LYS B 137 4.07 -13.55 -5.26
CA LYS B 137 4.92 -12.99 -6.29
C LYS B 137 4.97 -13.84 -7.57
N LYS B 138 4.91 -15.16 -7.41
CA LYS B 138 4.91 -16.07 -8.58
C LYS B 138 3.65 -15.85 -9.43
N ILE B 139 2.51 -15.63 -8.77
CA ILE B 139 1.24 -15.38 -9.45
C ILE B 139 1.27 -14.05 -10.20
N THR B 140 1.71 -13.00 -9.50
CA THR B 140 1.55 -11.67 -10.08
C THR B 140 2.63 -11.42 -11.15
N ASN B 141 3.78 -12.09 -11.05
CA ASN B 141 4.87 -11.93 -12.01
C ASN B 141 4.42 -12.23 -13.44
N PHE B 142 3.42 -13.10 -13.62
CA PHE B 142 2.97 -13.42 -14.96
C PHE B 142 2.43 -12.19 -15.66
N PHE B 143 2.02 -11.20 -14.86
CA PHE B 143 1.32 -10.02 -15.41
C PHE B 143 2.21 -8.80 -15.49
N ARG B 144 3.48 -8.97 -15.13
CA ARG B 144 4.46 -7.88 -15.26
C ARG B 144 4.37 -7.21 -16.62
N GLY B 145 4.68 -5.91 -16.66
CA GLY B 145 4.56 -5.17 -17.90
C GLY B 145 5.38 -5.72 -19.04
N ASP B 146 6.49 -6.42 -18.74
CA ASP B 146 7.28 -6.99 -19.81
C ASP B 146 6.84 -8.40 -20.16
N ARG B 147 5.95 -8.98 -19.35
CA ARG B 147 5.59 -10.40 -19.55
C ARG B 147 4.17 -10.63 -20.05
N CYS B 148 3.31 -9.63 -19.89
CA CYS B 148 1.95 -9.71 -20.43
C CYS B 148 1.74 -8.39 -21.20
N ARG B 149 2.15 -8.37 -22.47
CA ARG B 149 2.27 -7.09 -23.15
C ARG B 149 0.91 -6.48 -23.49
N SER B 150 -0.12 -7.31 -23.58
CA SER B 150 -1.43 -6.78 -23.92
C SER B 150 -2.09 -6.18 -22.67
N LEU B 151 -1.41 -6.26 -21.52
CA LEU B 151 -1.88 -5.54 -20.32
C LEU B 151 -0.93 -4.39 -19.96
N THR B 152 0.15 -4.21 -20.72
CA THR B 152 1.05 -3.13 -20.38
C THR B 152 0.29 -1.80 -20.39
N GLY B 153 0.46 -1.00 -19.33
CA GLY B 153 -0.17 0.31 -19.25
C GLY B 153 -1.61 0.24 -18.74
N LYS B 154 -2.09 -0.94 -18.43
CA LYS B 154 -3.47 -1.15 -17.96
C LYS B 154 -3.43 -1.58 -16.50
N PRO B 155 -4.45 -1.22 -15.73
CA PRO B 155 -4.49 -1.56 -14.30
C PRO B 155 -4.75 -3.06 -14.07
N LYS B 156 -3.93 -3.63 -13.21
CA LYS B 156 -3.93 -5.04 -12.86
C LYS B 156 -4.21 -5.10 -11.37
N LEU B 157 -5.42 -5.60 -11.03
CA LEU B 157 -5.88 -5.53 -9.65
C LEU B 157 -5.86 -6.91 -9.03
N PHE B 158 -5.19 -7.04 -7.89
CA PHE B 158 -5.19 -8.30 -7.17
C PHE B 158 -5.85 -8.06 -5.82
N ILE B 159 -6.90 -8.82 -5.53
CA ILE B 159 -7.67 -8.59 -4.33
C ILE B 159 -7.47 -9.85 -3.48
N ILE B 160 -6.96 -9.70 -2.27
CA ILE B 160 -6.48 -10.86 -1.53
C ILE B 160 -7.12 -10.99 -0.17
N GLN B 161 -7.96 -12.00 -0.04
CA GLN B 161 -8.61 -12.34 1.24
C GLN B 161 -7.87 -13.55 1.78
N ALA B 162 -7.00 -13.30 2.78
CA ALA B 162 -6.12 -14.31 3.38
C ALA B 162 -5.37 -13.65 4.52
N CYS B 163 -5.06 -14.43 5.56
CA CYS B 163 -4.12 -13.95 6.60
C CYS B 163 -2.76 -13.59 6.01
N ARG B 164 -2.08 -12.68 6.72
CA ARG B 164 -0.71 -12.30 6.35
C ARG B 164 0.24 -12.52 7.54
N GLY B 165 -0.15 -13.43 8.43
CA GLY B 165 0.63 -13.75 9.60
C GLY B 165 -0.28 -13.98 10.82
N THR B 166 0.33 -14.01 11.99
CA THR B 166 -0.44 -14.36 13.18
C THR B 166 -0.58 -13.24 14.20
N GLU B 167 -0.35 -11.99 13.83
CA GLU B 167 -0.55 -10.91 14.80
C GLU B 167 -2.04 -10.60 14.94
N LEU B 168 -2.42 -10.19 16.14
CA LEU B 168 -3.83 -9.88 16.38
C LEU B 168 -3.94 -8.41 16.69
N ASP B 169 -4.95 -7.75 16.14
CA ASP B 169 -5.13 -6.33 16.40
C ASP B 169 -6.17 -6.18 17.52
N CYS B 170 -5.73 -5.73 18.69
CA CYS B 170 -6.64 -5.65 19.82
CA CYS B 170 -6.58 -5.60 19.87
C CYS B 170 -7.52 -4.40 19.77
N GLY B 171 -7.19 -3.48 18.87
CA GLY B 171 -7.99 -2.27 18.77
C GLY B 171 -7.71 -1.28 19.89
N ILE B 172 -8.29 -0.08 19.75
CA ILE B 172 -8.22 0.92 20.81
C ILE B 172 -9.56 1.63 20.84
N GLU B 173 -10.08 1.88 22.03
CA GLU B 173 -11.37 2.56 22.21
C GLU B 173 -11.30 4.01 21.71
N THR B 174 -12.37 4.47 21.07
CA THR B 174 -12.38 5.83 20.55
C THR B 174 -13.29 6.78 21.33
N ASP B 179 16.93 17.53 -17.35
CA ASP B 179 18.10 17.57 -18.19
C ASP B 179 18.11 16.44 -19.23
N ASP B 180 17.59 15.29 -18.87
CA ASP B 180 17.72 14.09 -19.70
C ASP B 180 16.35 13.47 -19.92
N ASP B 181 15.99 13.38 -21.20
CA ASP B 181 14.69 12.84 -21.56
C ASP B 181 14.69 11.35 -22.02
N MET B 182 15.88 10.72 -22.09
CA MET B 182 16.11 9.24 -22.02
C MET B 182 16.51 8.66 -23.36
N HIS B 185 11.17 5.55 -24.46
CA HIS B 185 10.31 5.64 -23.29
C HIS B 185 9.91 4.24 -22.82
N LYS B 186 10.04 4.07 -21.52
CA LYS B 186 9.71 2.83 -20.86
C LYS B 186 8.89 3.13 -19.65
N ILE B 187 8.16 2.13 -19.18
CA ILE B 187 7.55 2.22 -17.86
C ILE B 187 8.12 1.07 -17.03
N PRO B 188 8.07 1.19 -15.71
CA PRO B 188 8.54 0.08 -14.88
C PRO B 188 7.71 -1.18 -15.12
N VAL B 189 8.32 -2.36 -15.05
CA VAL B 189 7.52 -3.60 -15.21
C VAL B 189 6.63 -3.83 -14.00
N GLU B 190 6.94 -3.21 -12.87
CA GLU B 190 6.04 -3.34 -11.71
C GLU B 190 4.92 -2.28 -11.65
N ALA B 191 4.93 -1.31 -12.58
CA ALA B 191 3.90 -0.26 -12.60
C ALA B 191 2.52 -0.84 -12.93
N ASP B 192 1.50 -0.14 -12.43
CA ASP B 192 0.08 -0.34 -12.78
C ASP B 192 -0.48 -1.60 -12.15
N PHE B 193 0.11 -2.03 -11.04
CA PHE B 193 -0.52 -3.05 -10.16
C PHE B 193 -1.17 -2.39 -8.95
N LEU B 194 -2.29 -2.97 -8.52
CA LEU B 194 -2.91 -2.55 -7.26
C LEU B 194 -3.15 -3.85 -6.50
N TYR B 195 -2.72 -3.91 -5.22
CA TYR B 195 -2.96 -5.09 -4.41
C TYR B 195 -3.88 -4.64 -3.27
N ALA B 196 -5.12 -5.16 -3.23
CA ALA B 196 -6.04 -4.76 -2.20
C ALA B 196 -6.07 -5.92 -1.21
N TYR B 197 -5.22 -5.80 -0.20
CA TYR B 197 -5.12 -6.82 0.83
C TYR B 197 -6.19 -6.66 1.89
N SER B 198 -6.73 -7.78 2.37
CA SER B 198 -7.78 -7.74 3.39
C SER B 198 -7.28 -7.25 4.74
N THR B 199 -5.96 -7.30 4.94
CA THR B 199 -5.44 -7.02 6.25
C THR B 199 -3.98 -6.48 6.21
N ALA B 200 -3.54 -5.89 7.31
CA ALA B 200 -2.19 -5.33 7.39
C ALA B 200 -1.12 -6.43 7.36
N PRO B 201 0.08 -6.09 6.91
CA PRO B 201 1.17 -7.05 6.93
C PRO B 201 1.36 -7.69 8.32
N GLY B 202 1.52 -9.01 8.36
CA GLY B 202 1.77 -9.69 9.60
C GLY B 202 0.51 -10.14 10.37
N TYR B 203 -0.68 -9.75 9.93
CA TYR B 203 -1.89 -9.89 10.72
C TYR B 203 -2.86 -10.97 10.24
N TYR B 204 -3.66 -11.43 11.19
CA TYR B 204 -4.86 -12.24 10.89
C TYR B 204 -5.83 -11.51 9.97
N SER B 205 -6.63 -12.29 9.24
CA SER B 205 -7.70 -11.74 8.45
C SER B 205 -8.92 -12.58 8.81
N TRP B 206 -10.05 -11.93 9.05
CA TRP B 206 -11.22 -12.63 9.64
C TRP B 206 -12.38 -12.87 8.67
N ARG B 207 -13.05 -13.99 8.95
CA ARG B 207 -14.15 -14.49 8.13
C ARG B 207 -15.28 -14.94 9.01
N ASN B 208 -16.50 -14.62 8.61
CA ASN B 208 -17.70 -15.09 9.29
C ASN B 208 -18.28 -16.24 8.50
N SER B 209 -18.57 -17.34 9.21
CA SER B 209 -18.94 -18.60 8.55
C SER B 209 -20.27 -18.47 7.79
N LYS B 210 -21.08 -17.50 8.17
CA LYS B 210 -22.40 -17.33 7.54
C LYS B 210 -22.39 -16.17 6.52
N ASP B 211 -21.72 -15.06 6.85
CA ASP B 211 -21.80 -13.81 6.10
C ASP B 211 -20.66 -13.66 5.06
N GLY B 212 -19.59 -14.44 5.19
CA GLY B 212 -18.42 -14.27 4.34
C GLY B 212 -17.34 -13.45 5.06
N SER B 213 -16.24 -13.16 4.39
CA SER B 213 -15.14 -12.45 5.06
C SER B 213 -15.49 -10.98 5.30
N TRP B 214 -14.94 -10.39 6.35
CA TRP B 214 -15.23 -8.98 6.63
C TRP B 214 -14.87 -8.10 5.45
N PHE B 215 -13.70 -8.39 4.88
CA PHE B 215 -13.20 -7.57 3.84
C PHE B 215 -14.01 -7.69 2.55
N ILE B 216 -14.35 -8.91 2.14
CA ILE B 216 -15.02 -9.03 0.86
C ILE B 216 -16.44 -8.50 0.98
N GLN B 217 -17.08 -8.75 2.15
CA GLN B 217 -18.41 -8.21 2.44
C GLN B 217 -18.39 -6.72 2.18
N SER B 218 -17.38 -6.07 2.76
CA SER B 218 -17.24 -4.62 2.74
C SER B 218 -16.86 -4.11 1.35
N LEU B 219 -15.92 -4.80 0.71
CA LEU B 219 -15.54 -4.43 -0.65
C LEU B 219 -16.72 -4.43 -1.62
N CYS B 220 -17.50 -5.53 -1.61
CA CYS B 220 -18.61 -5.61 -2.54
C CYS B 220 -19.63 -4.51 -2.22
N ALA B 221 -19.88 -4.27 -0.92
CA ALA B 221 -20.88 -3.25 -0.59
C ALA B 221 -20.45 -1.84 -1.10
N MET B 222 -19.18 -1.55 -0.91
CA MET B 222 -18.66 -0.21 -1.28
C MET B 222 -18.60 -0.07 -2.80
N LEU B 223 -18.26 -1.15 -3.49
CA LEU B 223 -18.35 -1.12 -4.97
C LEU B 223 -19.80 -0.92 -5.44
N LYS B 224 -20.73 -1.67 -4.86
CA LYS B 224 -22.13 -1.55 -5.25
C LYS B 224 -22.61 -0.10 -5.02
N GLN B 225 -22.19 0.50 -3.93
CA GLN B 225 -22.71 1.82 -3.55
C GLN B 225 -22.03 2.96 -4.33
N TYR B 226 -20.74 2.77 -4.58
CA TYR B 226 -19.88 3.91 -5.01
C TYR B 226 -19.17 3.79 -6.37
N ALA B 227 -19.24 2.63 -7.03
CA ALA B 227 -18.48 2.47 -8.25
C ALA B 227 -18.96 3.40 -9.38
N ASP B 228 -20.21 3.87 -9.33
CA ASP B 228 -20.65 4.79 -10.35
C ASP B 228 -20.26 6.22 -10.04
N LYS B 229 -19.49 6.48 -8.98
CA LYS B 229 -19.20 7.89 -8.68
C LYS B 229 -17.85 8.18 -8.05
N LEU B 230 -17.20 7.19 -7.43
CA LEU B 230 -15.91 7.47 -6.77
C LEU B 230 -14.77 6.78 -7.47
N GLU B 231 -13.59 7.40 -7.38
CA GLU B 231 -12.39 6.80 -7.87
C GLU B 231 -12.03 5.61 -6.98
N PHE B 232 -11.35 4.66 -7.59
CA PHE B 232 -11.20 3.36 -6.91
C PHE B 232 -10.42 3.44 -5.57
N MET B 233 -9.37 4.28 -5.47
CA MET B 233 -8.71 4.43 -4.17
C MET B 233 -9.63 4.97 -3.09
N HIS B 234 -10.55 5.84 -3.47
CA HIS B 234 -11.49 6.39 -2.49
C HIS B 234 -12.56 5.35 -2.16
N ILE B 235 -12.88 4.47 -3.11
CA ILE B 235 -13.78 3.33 -2.76
C ILE B 235 -13.06 2.42 -1.76
N LEU B 236 -11.77 2.19 -2.02
CA LEU B 236 -11.07 1.27 -1.11
C LEU B 236 -10.84 1.90 0.28
N THR B 237 -10.72 3.22 0.34
CA THR B 237 -10.60 3.92 1.62
C THR B 237 -11.89 3.76 2.42
N ARG B 238 -13.03 3.83 1.73
CA ARG B 238 -14.30 3.54 2.42
C ARG B 238 -14.38 2.09 2.91
N VAL B 239 -13.84 1.15 2.12
CA VAL B 239 -13.73 -0.22 2.57
C VAL B 239 -12.87 -0.30 3.84
N ASN B 240 -11.73 0.38 3.86
CA ASN B 240 -10.92 0.44 5.07
C ASN B 240 -11.73 0.90 6.26
N ARG B 241 -12.48 1.97 6.07
CA ARG B 241 -13.26 2.50 7.20
C ARG B 241 -14.33 1.51 7.63
N LYS B 242 -14.99 0.88 6.66
CA LYS B 242 -16.09 -0.01 7.01
C LYS B 242 -15.59 -1.21 7.82
N VAL B 243 -14.46 -1.80 7.40
CA VAL B 243 -13.88 -2.96 8.11
C VAL B 243 -13.41 -2.50 9.45
N ALA B 244 -12.75 -1.34 9.49
CA ALA B 244 -12.17 -0.85 10.75
C ALA B 244 -13.18 -0.50 11.83
N THR B 245 -14.33 0.05 11.42
CA THR B 245 -15.29 0.55 12.38
C THR B 245 -16.47 -0.38 12.64
N GLU B 246 -16.91 -1.15 11.64
CA GLU B 246 -18.14 -1.90 11.78
C GLU B 246 -17.95 -3.35 12.19
N PHE B 247 -16.73 -3.84 12.18
CA PHE B 247 -16.47 -5.23 12.58
C PHE B 247 -15.62 -5.34 13.82
N GLU B 248 -16.00 -6.28 14.69
CA GLU B 248 -15.18 -6.64 15.83
C GLU B 248 -15.44 -8.11 16.12
N SER B 249 -14.40 -8.90 16.35
CA SER B 249 -14.66 -10.32 16.61
C SER B 249 -15.35 -10.63 17.92
N PHE B 250 -16.15 -11.68 17.88
CA PHE B 250 -16.81 -12.21 19.07
C PHE B 250 -16.36 -13.69 19.17
N SER B 251 -15.73 -14.06 20.27
CA SER B 251 -15.23 -15.40 20.44
C SER B 251 -15.36 -15.89 21.87
N PHE B 252 -15.74 -17.15 22.07
CA PHE B 252 -15.69 -17.66 23.43
C PHE B 252 -14.27 -17.83 23.96
N ASP B 253 -13.30 -17.85 23.04
CA ASP B 253 -11.90 -17.93 23.39
C ASP B 253 -11.42 -16.49 23.50
N ALA B 254 -11.06 -16.06 24.72
CA ALA B 254 -10.57 -14.70 24.97
C ALA B 254 -9.45 -14.31 24.02
N THR B 255 -8.59 -15.26 23.68
CA THR B 255 -7.45 -14.98 22.77
C THR B 255 -7.90 -14.31 21.47
N PHE B 256 -9.09 -14.68 21.00
CA PHE B 256 -9.55 -14.21 19.70
C PHE B 256 -10.77 -13.30 19.77
N HIS B 257 -11.09 -12.87 20.98
CA HIS B 257 -12.26 -12.03 21.24
C HIS B 257 -11.91 -10.54 21.16
N ALA B 258 -12.82 -9.76 20.60
CA ALA B 258 -12.79 -8.29 20.64
C ALA B 258 -11.62 -7.80 19.81
N LYS B 259 -11.30 -8.57 18.79
CA LYS B 259 -10.22 -8.18 17.87
C LYS B 259 -10.72 -7.41 16.67
N LYS B 260 -9.82 -6.66 16.06
CA LYS B 260 -10.13 -5.70 14.99
C LYS B 260 -9.30 -6.00 13.72
N GLN B 261 -9.69 -5.38 12.61
CA GLN B 261 -8.95 -5.56 11.35
C GLN B 261 -8.93 -4.28 10.55
N ILE B 262 -7.75 -3.97 9.96
CA ILE B 262 -7.66 -2.90 8.98
C ILE B 262 -7.12 -3.51 7.68
N PRO B 263 -7.80 -3.23 6.54
CA PRO B 263 -7.24 -3.72 5.28
C PRO B 263 -6.06 -2.86 4.86
N CYS B 264 -5.43 -3.24 3.78
CA CYS B 264 -4.14 -2.60 3.42
C CYS B 264 -4.11 -2.43 1.90
N ILE B 265 -4.21 -1.17 1.43
CA ILE B 265 -4.24 -0.86 0.00
C ILE B 265 -2.82 -0.65 -0.45
N VAL B 266 -2.37 -1.38 -1.46
CA VAL B 266 -0.99 -1.24 -1.91
C VAL B 266 -1.03 -0.86 -3.39
N SER B 267 -0.72 0.41 -3.69
CA SER B 267 -0.88 0.87 -5.05
C SER B 267 0.41 1.27 -5.74
N MET B 268 0.65 0.59 -6.84
CA MET B 268 1.66 1.06 -7.79
CA MET B 268 1.65 0.96 -7.86
C MET B 268 0.96 1.50 -9.11
N LEU B 269 -0.29 1.97 -8.96
CA LEU B 269 -0.99 2.49 -10.13
C LEU B 269 -0.42 3.86 -10.49
N THR B 270 -0.58 4.24 -11.75
CA THR B 270 -0.01 5.52 -12.21
C THR B 270 -1.11 6.48 -12.65
N LYS B 271 -2.36 6.03 -12.57
CA LYS B 271 -3.49 6.87 -12.97
C LYS B 271 -4.68 6.55 -12.07
N GLU B 272 -5.65 7.45 -12.08
CA GLU B 272 -6.93 7.25 -11.41
C GLU B 272 -7.73 6.20 -12.16
N LEU B 273 -8.51 5.44 -11.40
CA LEU B 273 -9.32 4.36 -11.98
C LEU B 273 -10.79 4.55 -11.63
N TYR B 274 -11.60 4.72 -12.66
CA TYR B 274 -13.07 4.82 -12.52
C TYR B 274 -13.70 3.67 -13.26
N PHE B 275 -14.70 3.03 -12.66
CA PHE B 275 -15.37 1.94 -13.33
C PHE B 275 -16.51 2.38 -14.22
N TYR B 276 -16.65 3.67 -14.48
CA TYR B 276 -17.65 4.17 -15.40
C TYR B 276 -16.97 5.01 -16.47
N BAL C 1 26.71 11.49 -9.95
CB BAL C 1 26.10 11.08 -11.17
CA BAL C 1 24.64 11.41 -11.08
C BAL C 1 24.01 10.29 -10.27
O BAL C 1 23.82 10.46 -9.03
N LEU C 2 23.92 9.08 -10.78
CA LEU C 2 23.08 7.99 -10.22
C LEU C 2 23.73 7.33 -9.00
N GLN C 3 22.98 7.20 -7.90
CA GLN C 3 23.45 6.45 -6.74
C GLN C 3 22.28 5.69 -6.14
N HYP C 4 22.50 4.51 -5.61
CA HYP C 4 21.37 3.67 -4.94
C HYP C 4 21.25 3.89 -3.56
O HYP C 4 22.26 4.22 -2.84
CB HYP C 4 21.92 2.26 -5.37
CG HYP C 4 23.23 2.36 -5.17
CD HYP C 4 23.65 3.81 -5.63
OD1 HYP C 4 24.00 1.35 -5.97
N 1U8 C 5 20.04 3.70 -3.02
CA 1U8 C 5 19.83 3.75 -1.58
C 1U8 C 5 19.58 2.36 -1.04
O 1U8 C 5 19.04 2.21 0.05
CB 1U8 C 5 18.59 4.62 -1.28
CG 1U8 C 5 19.00 6.08 -1.29
OD1 1U8 C 5 18.18 6.99 -1.46
OD2 1U8 C 5 20.19 6.36 -1.04
C9 1U8 C 5 19.95 1.19 -1.89
N BAL D 1 -19.18 -19.70 13.00
CB BAL D 1 -19.08 -18.77 14.08
CA BAL D 1 -19.26 -17.39 13.50
C BAL D 1 -17.90 -17.12 12.89
O BAL D 1 -17.65 -17.57 11.75
N LEU D 2 -16.91 -16.78 13.67
CA LEU D 2 -15.58 -16.24 13.47
C LEU D 2 -14.61 -17.37 13.10
N GLN D 3 -13.95 -17.25 11.95
CA GLN D 3 -12.89 -18.19 11.56
C GLN D 3 -11.76 -17.40 10.95
N HYP D 4 -10.53 -17.79 11.20
CA HYP D 4 -9.28 -17.07 10.53
C HYP D 4 -8.91 -17.61 9.30
O HYP D 4 -9.12 -18.83 9.00
CB HYP D 4 -8.23 -17.29 11.69
CG HYP D 4 -8.49 -18.53 12.04
CD HYP D 4 -10.07 -18.71 11.99
OD1 HYP D 4 -8.06 -18.91 13.43
N 1U8 D 5 -8.30 -16.77 8.43
CA 1U8 D 5 -7.73 -17.22 7.16
C 1U8 D 5 -6.22 -17.20 7.23
O 1U8 D 5 -5.54 -17.24 6.22
CB 1U8 D 5 -8.18 -16.26 6.04
CG 1U8 D 5 -9.55 -16.67 5.53
OD1 1U8 D 5 -10.27 -15.87 4.93
OD2 1U8 D 5 -9.91 -17.86 5.69
C9 1U8 D 5 -5.55 -17.17 8.55
#